data_4B19
#
_entry.id   4B19
#
_cell.length_a   1.000
_cell.length_b   1.000
_cell.length_c   1.000
_cell.angle_alpha   90.00
_cell.angle_beta   90.00
_cell.angle_gamma   90.00
#
_symmetry.space_group_name_H-M   'P 1'
#
_entity_poly.entity_id   1
_entity_poly.type   'polypeptide(L)'
_entity_poly.pdbx_seq_one_letter_code
;MLIFVHIIAPVISGCAIAFFSYWLSRRNTK
;
_entity_poly.pdbx_strand_id   A
#
# COMPACT_ATOMS: atom_id res chain seq x y z
N MET A 1 -17.59 -8.82 11.49
CA MET A 1 -17.47 -7.35 11.68
C MET A 1 -17.11 -6.67 10.37
N LEU A 2 -17.84 -5.62 10.05
CA LEU A 2 -17.62 -4.88 8.82
C LEU A 2 -16.23 -4.25 8.78
N ILE A 3 -15.57 -4.17 9.94
CA ILE A 3 -14.24 -3.60 10.00
C ILE A 3 -13.18 -4.66 9.78
N PHE A 4 -13.55 -5.74 9.12
CA PHE A 4 -12.63 -6.82 8.81
C PHE A 4 -12.41 -6.89 7.31
N VAL A 5 -13.38 -6.38 6.57
CA VAL A 5 -13.31 -6.37 5.11
C VAL A 5 -13.00 -4.96 4.62
N HIS A 6 -13.34 -3.97 5.44
CA HIS A 6 -13.10 -2.57 5.10
C HIS A 6 -11.85 -2.04 5.80
N ILE A 7 -10.95 -2.95 6.15
CA ILE A 7 -9.72 -2.59 6.83
C ILE A 7 -8.50 -3.13 6.08
N ILE A 8 -8.67 -4.28 5.45
CA ILE A 8 -7.60 -4.92 4.71
C ILE A 8 -7.47 -4.39 3.29
N ALA A 9 -8.34 -3.44 2.92
CA ALA A 9 -8.30 -2.87 1.58
C ALA A 9 -8.03 -1.36 1.58
N PRO A 10 -8.79 -0.55 2.35
CA PRO A 10 -8.60 0.91 2.39
C PRO A 10 -7.37 1.32 3.21
N VAL A 11 -7.06 0.55 4.24
CA VAL A 11 -5.92 0.86 5.11
C VAL A 11 -4.60 0.38 4.52
N ILE A 12 -4.51 -0.93 4.28
CA ILE A 12 -3.29 -1.53 3.74
C ILE A 12 -2.86 -0.85 2.45
N SER A 13 -3.82 -0.61 1.55
CA SER A 13 -3.53 0.03 0.27
C SER A 13 -2.91 1.41 0.46
N GLY A 14 -3.26 2.06 1.57
CA GLY A 14 -2.73 3.38 1.86
C GLY A 14 -1.24 3.36 2.11
N CYS A 15 -0.83 2.55 3.10
CA CYS A 15 0.58 2.43 3.44
C CYS A 15 1.35 1.69 2.36
N ALA A 16 0.62 0.96 1.52
CA ALA A 16 1.23 0.19 0.44
C ALA A 16 1.86 1.11 -0.60
N ILE A 17 1.50 2.40 -0.55
CA ILE A 17 2.04 3.37 -1.48
C ILE A 17 3.52 3.63 -1.22
N ALA A 18 3.86 3.82 0.05
CA ALA A 18 5.24 4.07 0.45
C ALA A 18 6.13 2.89 0.06
N PHE A 19 5.53 1.71 0.01
CA PHE A 19 6.25 0.50 -0.34
C PHE A 19 6.41 0.37 -1.85
N PHE A 20 5.29 0.36 -2.55
CA PHE A 20 5.28 0.24 -4.00
C PHE A 20 6.15 1.32 -4.64
N SER A 21 5.93 2.55 -4.22
CA SER A 21 6.71 3.68 -4.74
C SER A 21 8.20 3.38 -4.65
N TYR A 22 8.63 2.95 -3.48
CA TYR A 22 10.03 2.62 -3.23
C TYR A 22 10.49 1.48 -4.14
N TRP A 23 9.59 0.52 -4.36
CA TRP A 23 9.90 -0.64 -5.19
C TRP A 23 10.35 -0.22 -6.58
N LEU A 24 9.44 0.35 -7.36
CA LEU A 24 9.76 0.79 -8.71
C LEU A 24 10.79 1.90 -8.70
N SER A 25 10.84 2.65 -7.61
CA SER A 25 11.79 3.75 -7.48
C SER A 25 13.22 3.23 -7.61
N ARG A 26 13.42 1.97 -7.26
CA ARG A 26 14.73 1.35 -7.34
C ARG A 26 15.13 1.08 -8.79
N ARG A 27 14.14 0.78 -9.61
CA ARG A 27 14.37 0.49 -11.02
C ARG A 27 15.18 1.59 -11.69
N ASN A 28 14.67 2.81 -11.63
CA ASN A 28 15.35 3.94 -12.24
C ASN A 28 15.07 5.21 -11.47
N THR A 29 13.81 5.61 -11.44
CA THR A 29 13.40 6.81 -10.75
C THR A 29 11.93 6.77 -10.38
N LYS A 30 11.48 7.79 -9.67
CA LYS A 30 10.09 7.87 -9.26
C LYS A 30 9.63 9.32 -9.22
N MET A 1 -22.69 -5.46 11.02
CA MET A 1 -21.46 -6.26 11.25
C MET A 1 -20.70 -6.47 9.94
N LEU A 2 -20.01 -5.44 9.50
CA LEU A 2 -19.23 -5.50 8.27
C LEU A 2 -17.91 -4.77 8.44
N ILE A 3 -17.31 -4.89 9.63
CA ILE A 3 -16.08 -4.19 9.94
C ILE A 3 -14.86 -4.97 9.43
N PHE A 4 -14.92 -6.28 9.53
CA PHE A 4 -13.79 -7.13 9.18
C PHE A 4 -13.70 -7.31 7.66
N VAL A 5 -13.54 -6.18 6.97
CA VAL A 5 -13.39 -6.16 5.53
C VAL A 5 -13.09 -4.73 5.08
N HIS A 6 -13.77 -3.79 5.71
CA HIS A 6 -13.58 -2.37 5.40
C HIS A 6 -12.31 -1.84 6.05
N ILE A 7 -11.79 -2.56 7.01
CA ILE A 7 -10.58 -2.17 7.71
C ILE A 7 -9.36 -2.83 7.07
N ILE A 8 -9.60 -3.68 6.07
CA ILE A 8 -8.52 -4.43 5.44
C ILE A 8 -8.01 -3.73 4.16
N ALA A 9 -8.80 -3.80 3.10
CA ALA A 9 -8.33 -3.38 1.78
C ALA A 9 -8.03 -1.87 1.69
N PRO A 10 -8.99 -0.96 1.98
CA PRO A 10 -8.77 0.49 1.79
C PRO A 10 -7.87 1.10 2.87
N VAL A 11 -7.28 0.24 3.70
CA VAL A 11 -6.39 0.69 4.75
C VAL A 11 -4.95 0.23 4.48
N ILE A 12 -4.77 -1.06 4.25
CA ILE A 12 -3.45 -1.61 4.00
C ILE A 12 -2.88 -1.06 2.68
N SER A 13 -3.77 -0.86 1.71
CA SER A 13 -3.36 -0.36 0.39
C SER A 13 -2.88 1.10 0.48
N GLY A 14 -3.10 1.72 1.62
CA GLY A 14 -2.70 3.10 1.80
C GLY A 14 -1.21 3.24 2.04
N CYS A 15 -0.69 2.43 2.95
CA CYS A 15 0.74 2.45 3.27
C CYS A 15 1.53 1.70 2.22
N ALA A 16 0.83 0.87 1.45
CA ALA A 16 1.46 0.06 0.40
C ALA A 16 1.98 0.94 -0.73
N ILE A 17 1.50 2.17 -0.80
CA ILE A 17 1.95 3.13 -1.80
C ILE A 17 3.45 3.38 -1.68
N ALA A 18 3.94 3.50 -0.45
CA ALA A 18 5.36 3.75 -0.21
C ALA A 18 6.18 2.50 -0.50
N PHE A 19 5.56 1.35 -0.30
CA PHE A 19 6.20 0.06 -0.54
C PHE A 19 6.37 -0.16 -2.04
N PHE A 20 5.34 0.18 -2.81
CA PHE A 20 5.38 0.05 -4.26
C PHE A 20 6.33 1.06 -4.89
N SER A 21 6.29 2.30 -4.41
CA SER A 21 7.11 3.36 -5.00
C SER A 21 8.60 3.13 -4.71
N TYR A 22 8.90 2.44 -3.62
CA TYR A 22 10.28 2.11 -3.28
C TYR A 22 10.84 1.05 -4.24
N TRP A 23 9.95 0.29 -4.88
CA TRP A 23 10.37 -0.74 -5.81
C TRP A 23 10.75 -0.14 -7.15
N LEU A 24 9.97 0.82 -7.62
CA LEU A 24 10.27 1.49 -8.87
C LEU A 24 11.46 2.45 -8.70
N SER A 25 11.87 2.67 -7.45
CA SER A 25 13.01 3.53 -7.15
C SER A 25 14.32 2.90 -7.64
N ARG A 26 14.26 1.63 -8.03
CA ARG A 26 15.44 0.92 -8.51
C ARG A 26 15.82 1.37 -9.91
N ARG A 27 14.88 1.97 -10.63
CA ARG A 27 15.17 2.50 -11.96
C ARG A 27 15.77 3.90 -11.83
N ASN A 28 15.20 4.68 -10.94
CA ASN A 28 15.65 6.05 -10.73
C ASN A 28 15.60 6.39 -9.25
N THR A 29 14.40 6.64 -8.77
CA THR A 29 14.12 6.93 -7.37
C THR A 29 12.65 7.32 -7.24
N LYS A 30 12.20 8.12 -8.20
CA LYS A 30 10.80 8.53 -8.29
C LYS A 30 10.46 8.73 -9.76
N MET A 1 -17.29 -11.37 12.99
CA MET A 1 -17.66 -11.39 11.56
C MET A 1 -18.59 -10.21 11.25
N LEU A 2 -18.05 -9.00 11.30
CA LEU A 2 -18.85 -7.80 11.04
C LEU A 2 -18.07 -6.71 10.32
N ILE A 3 -17.20 -6.01 11.06
CA ILE A 3 -16.69 -4.71 10.62
C ILE A 3 -15.26 -4.79 10.05
N PHE A 4 -14.58 -5.91 10.24
CA PHE A 4 -13.17 -6.02 9.86
C PHE A 4 -12.94 -6.00 8.35
N VAL A 5 -14.02 -5.97 7.58
CA VAL A 5 -13.90 -5.93 6.12
C VAL A 5 -13.43 -4.57 5.63
N HIS A 6 -14.25 -3.54 5.86
CA HIS A 6 -13.90 -2.20 5.41
C HIS A 6 -13.06 -1.47 6.46
N ILE A 7 -11.85 -1.97 6.67
CA ILE A 7 -10.91 -1.33 7.59
C ILE A 7 -9.50 -1.86 7.36
N ILE A 8 -9.37 -3.15 7.07
CA ILE A 8 -8.07 -3.76 6.83
C ILE A 8 -7.59 -3.46 5.41
N ALA A 9 -8.35 -3.93 4.44
CA ALA A 9 -7.98 -3.81 3.03
C ALA A 9 -7.78 -2.36 2.58
N PRO A 10 -8.72 -1.42 2.87
CA PRO A 10 -8.61 -0.03 2.42
C PRO A 10 -7.32 0.67 2.91
N VAL A 11 -6.80 0.22 4.03
CA VAL A 11 -5.57 0.79 4.57
C VAL A 11 -4.35 0.17 3.90
N ILE A 12 -4.42 -1.13 3.65
CA ILE A 12 -3.31 -1.86 3.00
C ILE A 12 -3.04 -1.29 1.61
N SER A 13 -4.09 -1.00 0.87
CA SER A 13 -3.94 -0.47 -0.48
C SER A 13 -3.29 0.91 -0.46
N GLY A 14 -3.30 1.55 0.71
CA GLY A 14 -2.75 2.89 0.83
C GLY A 14 -1.34 2.91 1.36
N CYS A 15 -1.04 2.01 2.30
CA CYS A 15 0.28 1.98 2.95
C CYS A 15 1.28 1.16 2.14
N ALA A 16 0.79 0.33 1.22
CA ALA A 16 1.66 -0.49 0.37
C ALA A 16 2.35 0.36 -0.69
N ILE A 17 1.92 1.62 -0.78
CA ILE A 17 2.51 2.54 -1.74
C ILE A 17 3.97 2.81 -1.38
N ALA A 18 4.29 2.72 -0.11
CA ALA A 18 5.65 2.90 0.37
C ALA A 18 6.59 1.89 -0.30
N PHE A 19 6.16 0.64 -0.35
CA PHE A 19 6.96 -0.40 -0.97
C PHE A 19 6.88 -0.28 -2.49
N PHE A 20 5.69 0.05 -2.98
CA PHE A 20 5.47 0.19 -4.42
C PHE A 20 6.36 1.28 -5.01
N SER A 21 6.46 2.40 -4.30
CA SER A 21 7.24 3.52 -4.78
C SER A 21 8.74 3.19 -4.79
N TYR A 22 9.17 2.30 -3.90
CA TYR A 22 10.56 1.89 -3.86
C TYR A 22 10.86 0.84 -4.93
N TRP A 23 10.04 -0.20 -4.98
CA TRP A 23 10.31 -1.37 -5.81
C TRP A 23 10.18 -1.05 -7.29
N LEU A 24 9.34 -0.09 -7.61
CA LEU A 24 9.09 0.24 -9.00
C LEU A 24 9.57 1.64 -9.35
N SER A 25 9.09 2.62 -8.61
CA SER A 25 9.36 4.02 -8.95
C SER A 25 10.81 4.40 -8.69
N ARG A 26 11.30 4.15 -7.47
CA ARG A 26 12.65 4.54 -7.10
C ARG A 26 13.67 3.52 -7.55
N ARG A 27 13.57 3.09 -8.79
CA ARG A 27 14.62 2.30 -9.41
C ARG A 27 15.47 3.23 -10.23
N ASN A 28 14.87 4.37 -10.57
CA ASN A 28 15.52 5.40 -11.35
C ASN A 28 15.35 6.74 -10.66
N THR A 29 14.23 7.39 -10.92
CA THR A 29 13.91 8.68 -10.33
C THR A 29 12.40 8.89 -10.35
N LYS A 30 11.87 9.63 -9.38
CA LYS A 30 10.45 9.96 -9.39
C LYS A 30 10.27 11.47 -9.53
N MET A 1 -8.20 -8.83 16.59
CA MET A 1 -8.75 -7.79 17.52
C MET A 1 -10.02 -7.15 16.94
N LEU A 2 -9.91 -6.63 15.72
CA LEU A 2 -11.04 -5.99 15.05
C LEU A 2 -11.53 -6.81 13.87
N ILE A 3 -12.42 -6.24 13.06
CA ILE A 3 -12.96 -6.93 11.89
C ILE A 3 -11.85 -7.27 10.89
N PHE A 4 -11.61 -8.57 10.71
CA PHE A 4 -10.57 -9.03 9.79
C PHE A 4 -11.08 -9.11 8.35
N VAL A 5 -11.36 -7.95 7.76
CA VAL A 5 -11.85 -7.87 6.39
C VAL A 5 -12.17 -6.41 6.01
N HIS A 6 -12.81 -5.69 6.93
CA HIS A 6 -13.17 -4.28 6.71
C HIS A 6 -11.93 -3.40 6.71
N ILE A 7 -11.03 -3.63 7.67
CA ILE A 7 -9.81 -2.84 7.78
C ILE A 7 -8.76 -3.27 6.75
N ILE A 8 -8.62 -4.57 6.55
CA ILE A 8 -7.66 -5.11 5.59
C ILE A 8 -8.19 -5.04 4.15
N ALA A 9 -8.19 -3.84 3.59
CA ALA A 9 -8.66 -3.62 2.22
C ALA A 9 -8.58 -2.13 1.85
N PRO A 10 -9.40 -1.27 2.49
CA PRO A 10 -9.41 0.18 2.22
C PRO A 10 -8.22 0.91 2.86
N VAL A 11 -7.83 0.48 4.06
CA VAL A 11 -6.71 1.09 4.77
C VAL A 11 -5.38 0.82 4.04
N ILE A 12 -5.31 -0.32 3.35
CA ILE A 12 -4.10 -0.70 2.61
C ILE A 12 -3.78 0.32 1.50
N SER A 13 -4.82 1.00 0.98
CA SER A 13 -4.65 1.99 -0.08
C SER A 13 -3.55 3.01 0.25
N GLY A 14 -3.51 3.44 1.51
CA GLY A 14 -2.51 4.43 1.93
C GLY A 14 -1.08 3.92 1.78
N CYS A 15 -0.77 2.81 2.45
CA CYS A 15 0.58 2.23 2.38
C CYS A 15 0.92 1.72 0.98
N ALA A 16 -0.11 1.39 0.19
CA ALA A 16 0.09 0.88 -1.16
C ALA A 16 0.94 1.83 -2.01
N ILE A 17 0.72 3.14 -1.85
CA ILE A 17 1.47 4.14 -2.59
C ILE A 17 2.95 4.11 -2.23
N ALA A 18 3.24 4.08 -0.93
CA ALA A 18 4.62 4.05 -0.45
C ALA A 18 5.36 2.81 -0.97
N PHE A 19 4.64 1.68 -1.04
CA PHE A 19 5.23 0.43 -1.52
C PHE A 19 5.65 0.53 -2.99
N PHE A 20 4.74 1.06 -3.81
CA PHE A 20 5.01 1.22 -5.25
C PHE A 20 6.20 2.15 -5.49
N SER A 21 6.16 3.34 -4.88
CA SER A 21 7.22 4.32 -5.04
C SER A 21 8.57 3.77 -4.58
N TYR A 22 8.57 3.05 -3.45
CA TYR A 22 9.78 2.45 -2.91
C TYR A 22 10.35 1.39 -3.86
N TRP A 23 9.46 0.53 -4.38
CA TRP A 23 9.87 -0.54 -5.30
C TRP A 23 10.44 0.05 -6.59
N LEU A 24 9.79 1.11 -7.10
CA LEU A 24 10.24 1.76 -8.33
C LEU A 24 11.59 2.46 -8.13
N SER A 25 11.81 2.98 -6.91
CA SER A 25 13.07 3.65 -6.60
C SER A 25 14.28 2.78 -6.89
N ARG A 26 14.23 1.53 -6.45
CA ARG A 26 15.32 0.57 -6.68
C ARG A 26 15.49 0.27 -8.17
N ARG A 27 14.36 0.16 -8.88
CA ARG A 27 14.38 -0.12 -10.32
C ARG A 27 15.18 0.94 -11.08
N ASN A 28 14.88 2.21 -10.81
CA ASN A 28 15.58 3.32 -11.47
C ASN A 28 15.82 4.48 -10.50
N THR A 29 14.79 5.30 -10.29
CA THR A 29 14.90 6.45 -9.37
C THR A 29 13.54 7.10 -9.13
N LYS A 30 13.46 7.92 -8.09
CA LYS A 30 12.23 8.62 -7.75
C LYS A 30 12.39 10.13 -7.88
N MET A 1 -19.74 -9.63 12.33
CA MET A 1 -18.36 -10.14 12.44
C MET A 1 -17.54 -9.79 11.22
N LEU A 2 -18.21 -9.48 10.11
CA LEU A 2 -17.53 -9.16 8.86
C LEU A 2 -17.06 -7.71 8.82
N ILE A 3 -16.35 -7.31 9.87
CA ILE A 3 -15.86 -5.94 9.98
C ILE A 3 -14.47 -5.84 9.36
N PHE A 4 -13.72 -6.95 9.41
CA PHE A 4 -12.33 -6.97 8.94
C PHE A 4 -12.20 -6.54 7.47
N VAL A 5 -13.23 -6.83 6.67
CA VAL A 5 -13.19 -6.51 5.25
C VAL A 5 -13.12 -4.99 5.03
N HIS A 6 -13.59 -4.24 6.01
CA HIS A 6 -13.65 -2.79 5.89
C HIS A 6 -12.35 -2.14 6.37
N ILE A 7 -11.41 -2.96 6.84
CA ILE A 7 -10.15 -2.43 7.34
C ILE A 7 -8.94 -3.04 6.60
N ILE A 8 -8.99 -4.35 6.32
CA ILE A 8 -7.85 -5.03 5.71
C ILE A 8 -7.56 -4.51 4.29
N ALA A 9 -8.58 -4.07 3.58
CA ALA A 9 -8.41 -3.59 2.21
C ALA A 9 -8.39 -2.05 2.11
N PRO A 10 -9.46 -1.33 2.56
CA PRO A 10 -9.59 0.12 2.35
C PRO A 10 -8.66 0.95 3.24
N VAL A 11 -7.95 0.29 4.15
CA VAL A 11 -7.05 0.99 5.05
C VAL A 11 -5.61 0.58 4.79
N ILE A 12 -5.36 -0.72 4.80
CA ILE A 12 -4.01 -1.26 4.65
C ILE A 12 -3.44 -0.93 3.26
N SER A 13 -4.32 -0.66 2.30
CA SER A 13 -3.91 -0.32 0.94
C SER A 13 -3.13 1.00 0.92
N GLY A 14 -3.23 1.76 1.99
CA GLY A 14 -2.59 3.06 2.06
C GLY A 14 -1.07 2.97 2.08
N CYS A 15 -0.54 1.89 2.65
CA CYS A 15 0.91 1.74 2.83
C CYS A 15 1.62 1.50 1.49
N ALA A 16 0.84 1.14 0.46
CA ALA A 16 1.40 0.90 -0.87
C ALA A 16 2.07 2.14 -1.44
N ILE A 17 1.64 3.31 -0.98
CA ILE A 17 2.17 4.57 -1.46
C ILE A 17 3.62 4.76 -0.98
N ALA A 18 3.93 4.14 0.14
CA ALA A 18 5.27 4.21 0.70
C ALA A 18 6.10 2.99 0.31
N PHE A 19 5.47 2.05 -0.38
CA PHE A 19 6.14 0.81 -0.77
C PHE A 19 6.53 0.86 -2.24
N PHE A 20 5.58 1.21 -3.08
CA PHE A 20 5.78 1.25 -4.52
C PHE A 20 6.71 2.38 -4.92
N SER A 21 6.80 3.41 -4.08
CA SER A 21 7.66 4.56 -4.35
C SER A 21 9.14 4.14 -4.37
N TYR A 22 9.56 3.39 -3.35
CA TYR A 22 10.95 2.93 -3.24
C TYR A 22 11.18 1.75 -4.16
N TRP A 23 10.09 1.09 -4.54
CA TRP A 23 10.17 -0.03 -5.44
C TRP A 23 10.62 0.45 -6.83
N LEU A 24 9.99 1.51 -7.32
CA LEU A 24 10.31 2.04 -8.65
C LEU A 24 11.71 2.64 -8.69
N SER A 25 12.14 3.24 -7.59
CA SER A 25 13.44 3.89 -7.54
C SER A 25 14.58 2.88 -7.47
N ARG A 26 14.25 1.63 -7.16
CA ARG A 26 15.25 0.57 -7.23
C ARG A 26 15.32 0.01 -8.64
N ARG A 27 14.39 0.43 -9.49
CA ARG A 27 14.39 0.03 -10.88
C ARG A 27 15.21 1.01 -11.70
N ASN A 28 14.84 2.28 -11.61
CA ASN A 28 15.53 3.33 -12.35
C ASN A 28 15.28 4.67 -11.69
N THR A 29 14.02 5.08 -11.68
CA THR A 29 13.65 6.39 -11.15
C THR A 29 12.23 6.34 -10.60
N LYS A 30 11.76 7.44 -10.04
CA LYS A 30 10.41 7.50 -9.48
C LYS A 30 9.73 8.81 -9.89
#